data_4ZHB
#
_entry.id   4ZHB
#
_cell.length_a   42.708
_cell.length_b   42.708
_cell.length_c   145.715
_cell.angle_alpha   90.000
_cell.angle_beta   90.000
_cell.angle_gamma   90.000
#
_symmetry.space_group_name_H-M   'P 41 2 2'
#
loop_
_entity.id
_entity.type
_entity.pdbx_description
1 polymer 'Ankyrin repeat-containing protein'
2 polymer '5-mer peptide'
3 non-polymer 'ACETATE ION'
4 water water
#
loop_
_entity_poly.entity_id
_entity_poly.type
_entity_poly.pdbx_seq_one_letter_code
_entity_poly.pdbx_strand_id
1 'polypeptide(L)'
;(MSE)IK(MSE)GRSE(MSE)KIASAELREL(MSE)KAVSEGHYETVNTILDKDPELVNQYAPPTYDSPLARVLNKKHID
YK(MSE)LDILVKHHVDFDYPINYHKETPIELACKNQDLQLFKYLVQHNAPISE
;
A
2 'polypeptide(L)' VDAVN B
#
# COMPACT_ATOMS: atom_id res chain seq x y z
N ILE A 11 3.93 -17.34 7.93
CA ILE A 11 3.04 -16.14 7.81
C ILE A 11 3.70 -14.90 8.42
N ALA A 12 3.22 -13.72 8.03
CA ALA A 12 3.64 -12.45 8.65
C ALA A 12 3.17 -12.35 10.10
N SER A 13 3.66 -11.34 10.80
CA SER A 13 3.37 -11.17 12.22
C SER A 13 1.90 -10.92 12.46
N ALA A 14 1.45 -11.25 13.66
CA ALA A 14 0.10 -10.95 14.08
C ALA A 14 -0.19 -9.46 13.97
N GLU A 15 0.81 -8.65 14.30
CA GLU A 15 0.67 -7.20 14.26
C GLU A 15 0.47 -6.69 12.83
N LEU A 16 1.23 -7.23 11.89
CA LEU A 16 1.05 -6.83 10.49
C LEU A 16 -0.29 -7.32 9.95
N ARG A 17 -0.66 -8.55 10.27
CA ARG A 17 -1.96 -9.08 9.82
C ARG A 17 -3.13 -8.26 10.38
N GLU A 18 -3.02 -7.85 11.64
N GLU A 18 -3.01 -7.84 11.65
CA GLU A 18 -4.01 -6.99 12.30
CA GLU A 18 -4.03 -6.98 12.26
C GLU A 18 -4.15 -5.66 11.55
C GLU A 18 -4.15 -5.66 11.54
N LEU A 19 -3.02 -5.03 11.23
CA LEU A 19 -3.03 -3.80 10.46
C LEU A 19 -3.66 -3.98 9.09
N LYS A 21 -5.77 -6.17 8.00
CA LYS A 21 -7.20 -6.39 8.15
C LYS A 21 -7.95 -5.09 8.39
N ALA A 22 -7.42 -4.25 9.28
CA ALA A 22 -8.04 -2.94 9.55
C ALA A 22 -8.06 -2.05 8.30
N VAL A 23 -6.98 -2.11 7.51
CA VAL A 23 -6.93 -1.37 6.26
C VAL A 23 -8.01 -1.88 5.31
N SER A 24 -8.07 -3.19 5.07
CA SER A 24 -9.06 -3.74 4.17
C SER A 24 -10.50 -3.42 4.58
N GLU A 25 -10.74 -3.36 5.89
CA GLU A 25 -12.07 -3.11 6.43
C GLU A 25 -12.44 -1.63 6.49
N GLY A 26 -11.54 -0.74 6.08
CA GLY A 26 -11.83 0.69 6.06
C GLY A 26 -11.85 1.35 7.41
N HIS A 27 -11.15 0.76 8.39
CA HIS A 27 -11.14 1.27 9.76
C HIS A 27 -10.08 2.35 9.94
N TYR A 28 -10.40 3.54 9.41
CA TYR A 28 -9.47 4.66 9.33
C TYR A 28 -8.82 4.99 10.67
N GLU A 29 -9.66 5.16 11.69
CA GLU A 29 -9.15 5.60 12.97
C GLU A 29 -8.27 4.51 13.62
N THR A 30 -8.69 3.26 13.49
CA THR A 30 -7.88 2.16 14.01
C THR A 30 -6.50 2.07 13.33
N VAL A 31 -6.50 2.20 12.01
CA VAL A 31 -5.25 2.18 11.25
C VAL A 31 -4.34 3.32 11.69
N ASN A 32 -4.89 4.53 11.82
N ASN A 32 -4.90 4.51 11.85
CA ASN A 32 -4.12 5.69 12.31
CA ASN A 32 -4.12 5.63 12.29
C ASN A 32 -3.45 5.37 13.65
C ASN A 32 -3.46 5.38 13.65
N THR A 33 -4.23 4.78 14.55
CA THR A 33 -3.73 4.44 15.88
C THR A 33 -2.66 3.36 15.84
N ILE A 34 -2.91 2.30 15.08
CA ILE A 34 -1.90 1.26 14.93
C ILE A 34 -0.58 1.86 14.47
N LEU A 35 -0.65 2.73 13.46
CA LEU A 35 0.59 3.26 12.90
C LEU A 35 1.23 4.33 13.80
N ASP A 36 0.44 5.03 14.60
CA ASP A 36 1.02 5.89 15.64
C ASP A 36 1.86 5.05 16.60
N LYS A 37 1.32 3.89 16.99
CA LYS A 37 1.94 3.04 18.02
C LYS A 37 3.05 2.14 17.51
N ASP A 38 2.94 1.74 16.24
CA ASP A 38 3.82 0.73 15.64
C ASP A 38 4.16 1.20 14.22
N PRO A 39 4.85 2.34 14.13
CA PRO A 39 5.07 2.97 12.83
C PRO A 39 5.84 2.11 11.83
N GLU A 40 6.70 1.21 12.31
CA GLU A 40 7.52 0.43 11.39
C GLU A 40 6.72 -0.59 10.58
N LEU A 41 5.43 -0.79 10.89
CA LEU A 41 4.62 -1.67 10.08
C LEU A 41 4.29 -1.15 8.69
N VAL A 42 4.36 0.19 8.49
CA VAL A 42 3.65 0.81 7.36
C VAL A 42 4.04 0.25 6.00
N ASN A 43 5.32 -0.03 5.80
CA ASN A 43 5.83 -0.50 4.49
C ASN A 43 6.19 -1.98 4.47
N GLN A 44 5.74 -2.76 5.46
CA GLN A 44 6.10 -4.18 5.47
C GLN A 44 5.28 -4.94 4.43
N TYR A 45 5.99 -5.63 3.52
CA TYR A 45 5.36 -6.38 2.44
C TYR A 45 5.90 -7.80 2.43
N ALA A 46 5.11 -8.72 1.90
CA ALA A 46 5.41 -10.15 1.99
C ALA A 46 5.50 -10.79 0.61
N PRO A 47 6.71 -10.84 0.00
CA PRO A 47 6.86 -11.61 -1.25
C PRO A 47 6.54 -13.08 -0.96
N PRO A 48 5.98 -13.83 -1.91
CA PRO A 48 5.76 -13.49 -3.30
C PRO A 48 4.41 -12.85 -3.61
N THR A 49 3.49 -12.78 -2.65
CA THR A 49 2.21 -12.09 -2.93
C THR A 49 2.41 -10.59 -2.91
N TYR A 50 3.42 -10.12 -2.20
CA TYR A 50 3.64 -8.70 -1.92
C TYR A 50 2.44 -8.09 -1.20
N ASP A 51 1.74 -8.91 -0.40
CA ASP A 51 0.70 -8.36 0.46
C ASP A 51 1.35 -7.36 1.42
N SER A 52 0.62 -6.29 1.71
CA SER A 52 1.12 -5.19 2.54
C SER A 52 -0.05 -4.29 2.85
N PRO A 53 0.11 -3.39 3.81
CA PRO A 53 -0.92 -2.36 4.04
C PRO A 53 -1.27 -1.59 2.75
N LEU A 54 -0.24 -1.18 2.02
CA LEU A 54 -0.46 -0.45 0.78
C LEU A 54 -1.18 -1.30 -0.27
N ALA A 55 -0.78 -2.56 -0.39
CA ALA A 55 -1.43 -3.45 -1.35
C ALA A 55 -2.92 -3.58 -1.06
N ARG A 56 -3.30 -3.60 0.21
CA ARG A 56 -4.73 -3.68 0.56
C ARG A 56 -5.51 -2.48 0.02
N VAL A 57 -4.87 -1.33 -0.05
CA VAL A 57 -5.50 -0.15 -0.63
C VAL A 57 -5.52 -0.21 -2.16
N LEU A 58 -4.37 -0.49 -2.76
CA LEU A 58 -4.24 -0.37 -4.21
C LEU A 58 -4.88 -1.54 -4.99
N ASN A 59 -5.10 -2.69 -4.29
N ASN A 59 -5.09 -2.70 -4.42
CA ASN A 59 -5.74 -3.98 -4.77
CA ASN A 59 -5.59 -3.74 -5.28
C ASN A 59 -7.15 -3.69 -5.30
C ASN A 59 -7.12 -3.84 -4.97
N LYS A 60 -7.79 -2.66 -4.75
N LYS A 60 -7.80 -2.72 -5.27
CA LYS A 60 -9.21 -2.38 -5.02
CA LYS A 60 -9.25 -2.54 -5.21
C LYS A 60 -9.41 -1.62 -6.32
C LYS A 60 -9.66 -1.78 -6.46
N LYS A 61 -10.41 -2.05 -7.09
N LYS A 61 -10.76 -2.16 -7.09
CA LYS A 61 -10.72 -1.35 -8.33
CA LYS A 61 -11.14 -1.51 -8.34
C LYS A 61 -11.09 0.09 -8.03
C LYS A 61 -11.42 -0.01 -8.15
N HIS A 62 -11.89 0.34 -6.97
CA HIS A 62 -12.15 1.74 -6.54
C HIS A 62 -11.37 2.03 -5.28
N ILE A 63 -10.29 2.78 -5.44
CA ILE A 63 -9.35 3.04 -4.35
C ILE A 63 -9.93 3.98 -3.30
N ASP A 64 -9.70 3.63 -2.04
CA ASP A 64 -10.07 4.48 -0.91
C ASP A 64 -8.95 5.46 -0.64
N TYR A 65 -9.12 6.67 -1.19
CA TYR A 65 -8.12 7.70 -1.05
C TYR A 65 -7.99 8.27 0.36
N LYS A 66 -9.04 8.17 1.17
CA LYS A 66 -8.87 8.53 2.58
C LYS A 66 -7.86 7.60 3.24
N LEU A 68 -5.59 5.78 1.69
CA LEU A 68 -4.27 6.02 1.13
C LEU A 68 -3.59 7.25 1.76
N ASP A 69 -4.35 8.32 1.97
CA ASP A 69 -3.83 9.52 2.64
C ASP A 69 -3.31 9.20 4.04
N ILE A 70 -4.02 8.33 4.77
CA ILE A 70 -3.57 7.90 6.09
C ILE A 70 -2.22 7.19 6.01
N LEU A 71 -2.08 6.28 5.05
CA LEU A 71 -0.80 5.61 4.89
C LEU A 71 0.29 6.64 4.56
N VAL A 72 -0.01 7.59 3.68
CA VAL A 72 0.94 8.65 3.33
C VAL A 72 1.36 9.47 4.56
N LYS A 73 0.39 9.83 5.40
CA LYS A 73 0.72 10.57 6.63
C LYS A 73 1.70 9.81 7.49
N HIS A 74 1.58 8.48 7.47
CA HIS A 74 2.42 7.59 8.21
C HIS A 74 3.62 7.05 7.43
N HIS A 75 4.02 7.77 6.36
CA HIS A 75 5.30 7.53 5.68
C HIS A 75 5.33 6.27 4.83
N VAL A 76 4.18 5.91 4.25
CA VAL A 76 4.19 4.87 3.24
C VAL A 76 5.02 5.37 2.06
N ASP A 77 5.66 4.42 1.38
CA ASP A 77 6.40 4.70 0.16
C ASP A 77 5.81 3.93 -1.01
N PHE A 78 6.28 4.29 -2.21
CA PHE A 78 5.69 3.81 -3.46
C PHE A 78 6.72 3.15 -4.36
N ASP A 79 7.83 2.70 -3.78
CA ASP A 79 8.94 2.16 -4.56
C ASP A 79 9.02 0.64 -4.59
N TYR A 80 8.16 -0.06 -3.87
CA TYR A 80 8.21 -1.52 -3.81
C TYR A 80 6.99 -2.15 -4.49
N PRO A 81 7.09 -3.42 -4.90
CA PRO A 81 5.95 -3.99 -5.58
C PRO A 81 4.76 -4.17 -4.65
N ILE A 82 3.57 -4.10 -5.24
CA ILE A 82 2.31 -4.13 -4.50
C ILE A 82 1.37 -5.25 -4.91
N ASN A 83 1.86 -6.19 -5.73
CA ASN A 83 1.07 -7.35 -6.06
C ASN A 83 1.96 -8.47 -6.56
N TYR A 84 1.34 -9.63 -6.82
CA TYR A 84 2.09 -10.83 -7.21
C TYR A 84 2.67 -10.76 -8.61
N HIS A 85 2.22 -9.78 -9.39
CA HIS A 85 2.86 -9.43 -10.67
C HIS A 85 4.19 -8.69 -10.49
N LYS A 86 4.58 -8.39 -9.25
N LYS A 86 4.53 -8.35 -9.25
CA LYS A 86 5.75 -7.57 -8.95
CA LYS A 86 5.72 -7.58 -8.91
C LYS A 86 5.65 -6.19 -9.60
C LYS A 86 5.65 -6.14 -9.44
N GLU A 87 4.44 -5.65 -9.69
CA GLU A 87 4.23 -4.28 -10.16
C GLU A 87 4.37 -3.28 -9.05
N THR A 88 5.09 -2.20 -9.31
CA THR A 88 5.08 -1.03 -8.43
C THR A 88 3.75 -0.30 -8.58
N PRO A 89 3.45 0.63 -7.66
CA PRO A 89 2.24 1.44 -7.79
C PRO A 89 2.11 2.13 -9.15
N ILE A 90 3.19 2.72 -9.66
CA ILE A 90 3.13 3.38 -10.95
C ILE A 90 2.86 2.37 -12.07
N GLU A 91 3.47 1.19 -11.99
CA GLU A 91 3.22 0.17 -13.00
C GLU A 91 1.78 -0.30 -13.00
N LEU A 92 1.18 -0.39 -11.81
CA LEU A 92 -0.25 -0.73 -11.71
C LEU A 92 -1.09 0.37 -12.35
N ALA A 93 -0.80 1.63 -12.01
CA ALA A 93 -1.55 2.75 -12.60
C ALA A 93 -1.48 2.70 -14.14
N CYS A 94 -0.30 2.37 -14.65
CA CYS A 94 -0.09 2.29 -16.09
C CYS A 94 -0.89 1.16 -16.70
N LYS A 95 -0.83 -0.01 -16.08
CA LYS A 95 -1.60 -1.17 -16.54
C LYS A 95 -3.10 -0.87 -16.58
N ASN A 96 -3.58 -0.20 -15.54
CA ASN A 96 -4.99 0.13 -15.43
C ASN A 96 -5.40 1.39 -16.17
N GLN A 97 -4.44 2.09 -16.75
CA GLN A 97 -4.69 3.38 -17.42
C GLN A 97 -5.47 4.32 -16.50
N ASP A 98 -5.04 4.38 -15.25
CA ASP A 98 -5.75 5.12 -14.20
C ASP A 98 -5.00 6.41 -13.93
N LEU A 99 -5.43 7.49 -14.60
CA LEU A 99 -4.77 8.79 -14.43
C LEU A 99 -4.97 9.39 -13.04
N GLN A 100 -6.05 9.02 -12.37
CA GLN A 100 -6.27 9.51 -11.01
C GLN A 100 -5.19 8.97 -10.07
N LEU A 101 -4.95 7.68 -10.18
CA LEU A 101 -3.88 7.08 -9.39
C LEU A 101 -2.51 7.56 -9.84
N PHE A 102 -2.27 7.60 -11.16
N PHE A 102 -2.30 7.66 -11.14
CA PHE A 102 -1.02 8.17 -11.69
CA PHE A 102 -1.03 8.17 -11.62
C PHE A 102 -0.73 9.54 -11.03
C PHE A 102 -0.71 9.56 -11.06
N LYS A 103 -1.70 10.44 -11.07
CA LYS A 103 -1.52 11.79 -10.57
C LYS A 103 -1.23 11.78 -9.07
N TYR A 104 -1.98 11.00 -8.31
CA TYR A 104 -1.74 10.91 -6.88
C TYR A 104 -0.31 10.45 -6.63
N LEU A 105 0.11 9.42 -7.34
CA LEU A 105 1.44 8.87 -7.11
C LEU A 105 2.54 9.87 -7.45
N VAL A 106 2.40 10.53 -8.59
CA VAL A 106 3.36 11.56 -9.00
C VAL A 106 3.46 12.69 -7.98
N GLN A 107 2.31 13.12 -7.47
CA GLN A 107 2.28 14.20 -6.49
C GLN A 107 2.89 13.79 -5.14
N HIS A 108 3.04 12.47 -4.93
CA HIS A 108 3.72 11.93 -3.76
C HIS A 108 5.09 11.30 -4.08
N ASN A 109 5.71 11.75 -5.18
CA ASN A 109 7.09 11.38 -5.56
C ASN A 109 7.30 9.89 -5.78
N ALA A 110 6.27 9.20 -6.28
CA ALA A 110 6.44 7.80 -6.60
C ALA A 110 7.45 7.64 -7.74
N PRO A 111 8.31 6.63 -7.69
CA PRO A 111 9.26 6.40 -8.78
C PRO A 111 8.59 5.74 -9.99
N ILE A 112 9.14 6.05 -11.16
CA ILE A 112 8.69 5.49 -12.43
C ILE A 112 9.81 4.64 -13.00
N SER A 113 9.54 3.34 -13.19
CA SER A 113 10.53 2.36 -13.67
C SER A 113 10.83 2.55 -15.15
N GLU A 114 11.85 1.84 -15.64
N GLU A 114 11.89 1.86 -15.58
CA GLU A 114 12.20 1.84 -17.07
CA GLU A 114 12.33 1.81 -16.96
C GLU A 114 12.33 0.44 -17.67
C GLU A 114 12.69 0.36 -17.28
N VAL B 1 9.61 -2.48 3.77
CA VAL B 1 10.62 -3.47 3.39
C VAL B 1 10.01 -4.86 3.51
N ASP B 2 10.77 -5.87 3.12
CA ASP B 2 10.30 -7.24 3.19
C ASP B 2 10.07 -7.68 4.64
N ALA B 3 8.88 -8.18 4.91
CA ALA B 3 8.48 -8.57 6.26
C ALA B 3 9.22 -9.81 6.73
N VAL B 4 9.40 -9.93 8.05
CA VAL B 4 9.90 -11.17 8.64
C VAL B 4 8.73 -12.14 8.67
N ASN B 5 8.91 -13.32 8.08
CA ASN B 5 7.85 -14.34 8.00
C ASN B 5 8.21 -15.61 8.76
#